data_5C9N
#
_entry.id   5C9N
#
_cell.length_a   50.035
_cell.length_b   70.574
_cell.length_c   83.055
_cell.angle_alpha   90.00
_cell.angle_beta   90.00
_cell.angle_gamma   90.00
#
_symmetry.space_group_name_H-M   'P 21 21 21'
#
loop_
_entity.id
_entity.type
_entity.pdbx_description
1 polymer 'Geminin coiled-coil domain-containing protein 1'
2 non-polymer (4S)-2-METHYL-2,4-PENTANEDIOL
3 water water
#
_entity_poly.entity_id   1
_entity_poly.type   'polypeptide(L)'
_entity_poly.pdbx_seq_one_letter_code
;DSNFPLPDLCSWEEAQLSSQLYRNKQLQDTLVQKEEELARLHEENNHLRQYLNSALVKCEEEKAKKELSSDEFSKAYGKF
RKGKR
;
_entity_poly.pdbx_strand_id   A,B
#
# COMPACT_ATOMS: atom_id res chain seq x y z
N LEU A 6 12.42 41.82 -13.04
CA LEU A 6 13.15 40.62 -12.53
C LEU A 6 13.02 40.34 -11.01
N PRO A 7 13.10 41.39 -10.12
CA PRO A 7 13.04 41.06 -8.67
C PRO A 7 11.65 40.59 -8.12
N ASP A 8 10.56 41.12 -8.70
N ASP A 8 10.55 41.11 -8.68
CA ASP A 8 9.21 40.66 -8.38
CA ASP A 8 9.23 40.61 -8.29
C ASP A 8 8.98 39.23 -8.87
C ASP A 8 8.96 39.21 -8.87
N LEU A 9 9.51 38.90 -10.05
CA LEU A 9 9.43 37.52 -10.60
C LEU A 9 10.23 36.53 -9.74
N CYS A 10 11.46 36.91 -9.38
CA CYS A 10 12.30 36.12 -8.49
C CYS A 10 11.63 35.78 -7.18
N SER A 11 10.97 36.76 -6.57
N SER A 11 10.97 36.77 -6.58
CA SER A 11 10.27 36.55 -5.31
CA SER A 11 10.27 36.56 -5.32
C SER A 11 9.05 35.63 -5.47
C SER A 11 9.06 35.64 -5.48
N TRP A 12 8.33 35.78 -6.59
CA TRP A 12 7.24 34.90 -6.91
C TRP A 12 7.77 33.46 -7.17
N GLU A 13 8.85 33.33 -7.94
CA GLU A 13 9.43 32.02 -8.21
C GLU A 13 9.87 31.30 -6.95
N GLU A 14 10.49 32.03 -6.04
CA GLU A 14 10.94 31.45 -4.77
C GLU A 14 9.78 30.94 -3.92
N ALA A 15 8.69 31.70 -3.85
CA ALA A 15 7.47 31.27 -3.14
C ALA A 15 6.87 30.00 -3.78
N GLN A 16 6.83 29.95 -5.10
CA GLN A 16 6.34 28.75 -5.80
C GLN A 16 7.20 27.53 -5.49
N LEU A 17 8.52 27.74 -5.44
CA LEU A 17 9.42 26.65 -5.08
C LEU A 17 9.19 26.13 -3.69
N SER A 18 9.04 27.04 -2.74
CA SER A 18 8.78 26.62 -1.37
C SER A 18 7.51 25.81 -1.30
N SER A 19 6.47 26.27 -1.99
CA SER A 19 5.17 25.63 -1.97
CA SER A 19 5.16 25.61 -1.94
C SER A 19 5.26 24.25 -2.61
N GLN A 20 6.03 24.17 -3.69
CA GLN A 20 6.26 22.88 -4.36
C GLN A 20 7.03 21.88 -3.50
N LEU A 21 8.07 22.36 -2.82
CA LEU A 21 8.84 21.50 -1.95
C LEU A 21 8.02 21.01 -0.78
N TYR A 22 7.18 21.88 -0.23
CA TYR A 22 6.26 21.50 0.81
C TYR A 22 5.31 20.37 0.36
N ARG A 23 4.63 20.58 -0.76
CA ARG A 23 3.69 19.58 -1.29
C ARG A 23 4.38 18.25 -1.60
N ASN A 24 5.60 18.29 -2.13
CA ASN A 24 6.36 17.07 -2.40
C ASN A 24 6.76 16.32 -1.15
N LYS A 25 7.12 17.06 -0.09
CA LYS A 25 7.42 16.44 1.19
C LYS A 25 6.19 15.72 1.74
N GLN A 26 5.03 16.33 1.63
N GLN A 26 5.05 16.38 1.64
CA GLN A 26 3.78 15.72 2.09
CA GLN A 26 3.77 15.90 2.12
C GLN A 26 3.47 14.43 1.32
C GLN A 26 3.48 14.48 1.59
N LEU A 27 3.71 14.45 0.00
N LEU A 27 3.63 14.29 0.28
CA LEU A 27 3.53 13.26 -0.83
CA LEU A 27 3.33 12.98 -0.27
C LEU A 27 4.49 12.14 -0.41
C LEU A 27 4.53 12.04 -0.42
N GLN A 28 5.74 12.52 -0.19
CA GLN A 28 6.83 11.60 0.13
C GLN A 28 6.53 10.87 1.45
N ASP A 29 6.06 11.61 2.44
CA ASP A 29 5.67 11.07 3.74
C ASP A 29 4.47 10.13 3.62
N THR A 30 3.46 10.54 2.86
CA THR A 30 2.31 9.67 2.59
C THR A 30 2.76 8.36 1.95
N LEU A 31 3.67 8.45 1.01
CA LEU A 31 4.18 7.29 0.30
C LEU A 31 4.95 6.31 1.21
N VAL A 32 5.65 6.83 2.21
CA VAL A 32 6.28 5.95 3.21
C VAL A 32 5.22 5.16 3.98
N GLN A 33 4.15 5.85 4.40
CA GLN A 33 3.05 5.21 5.14
CA GLN A 33 3.06 5.20 5.14
C GLN A 33 2.37 4.12 4.30
N LYS A 34 2.16 4.41 3.01
CA LYS A 34 1.55 3.46 2.10
C LYS A 34 2.41 2.25 1.91
N GLU A 35 3.71 2.44 1.73
CA GLU A 35 4.61 1.31 1.51
C GLU A 35 4.64 0.33 2.67
N GLU A 36 4.58 0.86 3.88
CA GLU A 36 4.56 0.01 5.06
C GLU A 36 3.20 -0.64 5.28
N GLU A 37 2.12 0.05 4.92
CA GLU A 37 0.79 -0.56 4.93
C GLU A 37 0.71 -1.71 3.92
N LEU A 38 1.30 -1.51 2.75
CA LEU A 38 1.40 -2.56 1.74
C LEU A 38 2.17 -3.77 2.23
N ALA A 39 3.31 -3.52 2.86
CA ALA A 39 4.15 -4.59 3.36
C ALA A 39 3.44 -5.43 4.43
N ARG A 40 2.71 -4.75 5.32
N ARG A 40 2.71 -4.76 5.31
CA ARG A 40 1.93 -5.39 6.38
CA ARG A 40 1.96 -5.41 6.38
C ARG A 40 0.86 -6.32 5.77
C ARG A 40 0.79 -6.27 5.84
N LEU A 41 0.10 -5.80 4.81
CA LEU A 41 -0.97 -6.53 4.18
C LEU A 41 -0.47 -7.71 3.36
N HIS A 42 0.61 -7.53 2.63
CA HIS A 42 1.22 -8.64 1.93
C HIS A 42 1.62 -9.77 2.87
N GLU A 43 2.24 -9.42 4.00
N GLU A 43 2.26 -9.39 3.99
CA GLU A 43 2.67 -10.45 4.93
CA GLU A 43 2.69 -10.31 5.01
C GLU A 43 1.48 -11.14 5.60
C GLU A 43 1.50 -11.09 5.60
N GLU A 44 0.47 -10.36 6.00
CA GLU A 44 -0.74 -10.95 6.62
C GLU A 44 -1.53 -11.82 5.64
N ASN A 45 -1.75 -11.34 4.42
CA ASN A 45 -2.43 -12.14 3.40
C ASN A 45 -1.74 -13.46 3.11
N ASN A 46 -0.41 -13.40 2.95
CA ASN A 46 0.38 -14.61 2.66
C ASN A 46 0.34 -15.63 3.78
N HIS A 47 0.51 -15.18 5.02
CA HIS A 47 0.39 -16.05 6.18
C HIS A 47 -0.99 -16.64 6.35
N LEU A 48 -2.01 -15.83 6.19
CA LEU A 48 -3.40 -16.33 6.24
C LEU A 48 -3.65 -17.42 5.21
N ARG A 49 -3.20 -17.13 3.99
N ARG A 49 -3.19 -17.19 3.99
CA ARG A 49 -3.21 -18.09 2.88
CA ARG A 49 -3.34 -18.20 2.95
C ARG A 49 -2.55 -19.43 3.26
C ARG A 49 -2.55 -19.49 3.25
N GLN A 50 -1.33 -19.36 3.78
CA GLN A 50 -0.56 -20.52 4.21
C GLN A 50 -1.29 -21.31 5.30
N TYR A 51 -1.80 -20.59 6.30
CA TYR A 51 -2.53 -21.21 7.42
C TYR A 51 -3.77 -21.97 6.93
N LEU A 52 -4.58 -21.30 6.11
CA LEU A 52 -5.76 -21.92 5.49
C LEU A 52 -5.44 -23.16 4.72
N ASN A 53 -4.45 -23.07 3.87
CA ASN A 53 -4.04 -24.21 3.06
C ASN A 53 -3.55 -25.37 3.93
N SER A 54 -2.79 -25.05 4.97
CA SER A 54 -2.29 -26.06 5.88
C SER A 54 -3.44 -26.77 6.58
N ALA A 55 -4.39 -26.02 7.14
CA ALA A 55 -5.52 -26.63 7.88
C ALA A 55 -6.46 -27.42 7.00
N LEU A 56 -6.77 -26.86 5.83
CA LEU A 56 -7.66 -27.54 4.89
C LEU A 56 -7.08 -28.84 4.38
N VAL A 57 -5.80 -28.82 4.04
CA VAL A 57 -5.09 -30.04 3.63
C VAL A 57 -5.16 -31.14 4.72
N LYS A 58 -4.94 -30.78 5.99
CA LYS A 58 -5.05 -31.77 7.07
C LYS A 58 -6.44 -32.31 7.22
N CYS A 59 -7.46 -31.48 7.05
N CYS A 59 -7.44 -31.47 7.05
CA CYS A 59 -8.86 -31.95 7.07
CA CYS A 59 -8.83 -31.90 7.08
C CYS A 59 -9.10 -33.00 6.02
C CYS A 59 -9.12 -32.96 6.02
N GLU A 60 -8.62 -32.73 4.81
CA GLU A 60 -8.71 -33.70 3.69
C GLU A 60 -7.86 -34.95 3.92
N GLU A 61 -6.66 -34.81 4.46
CA GLU A 61 -5.84 -35.99 4.82
C GLU A 61 -6.60 -36.89 5.77
N GLU A 62 -7.21 -36.29 6.80
CA GLU A 62 -8.01 -37.05 7.75
C GLU A 62 -9.19 -37.79 7.15
N LYS A 63 -9.94 -37.13 6.27
CA LYS A 63 -11.07 -37.78 5.60
C LYS A 63 -10.64 -38.94 4.72
N ALA A 64 -9.51 -38.78 4.03
CA ALA A 64 -8.96 -39.81 3.16
C ALA A 64 -8.62 -41.08 3.95
N LYS A 65 -7.88 -40.94 5.05
CA LYS A 65 -7.46 -42.10 5.83
C LYS A 65 -8.58 -42.69 6.69
N LYS A 66 -9.55 -41.87 7.07
CA LYS A 66 -10.78 -42.36 7.71
C LYS A 66 -11.60 -43.17 6.72
N GLU A 67 -12.00 -42.52 5.63
CA GLU A 67 -12.90 -43.12 4.66
C GLU A 67 -12.30 -44.34 3.91
N LEU A 68 -11.01 -44.64 4.14
CA LEU A 68 -10.48 -45.98 3.89
C LEU A 68 -10.73 -46.85 5.16
N SER A 69 -11.83 -47.63 5.11
CA SER A 69 -12.32 -48.45 6.22
C SER A 69 -12.65 -47.63 7.47
N LEU B 6 22.64 37.22 -6.91
CA LEU B 6 21.20 37.21 -7.34
C LEU B 6 20.95 36.37 -8.61
N PRO B 7 21.59 36.74 -9.76
CA PRO B 7 21.22 36.06 -11.04
C PRO B 7 21.54 34.55 -11.08
N ASP B 8 22.57 34.14 -10.34
CA ASP B 8 22.89 32.74 -10.15
C ASP B 8 21.81 32.01 -9.33
N LEU B 9 21.36 32.63 -8.24
CA LEU B 9 20.31 32.06 -7.40
C LEU B 9 18.99 31.88 -8.17
N CYS B 10 18.60 32.88 -8.96
N CYS B 10 18.62 32.87 -8.97
CA CYS B 10 17.36 32.82 -9.77
CA CYS B 10 17.37 32.84 -9.71
C CYS B 10 17.34 31.64 -10.71
C CYS B 10 17.32 31.73 -10.77
N SER B 11 18.43 31.43 -11.46
CA SER B 11 18.48 30.28 -12.37
C SER B 11 18.44 28.93 -11.66
N TRP B 12 19.12 28.85 -10.51
CA TRP B 12 19.07 27.66 -9.70
C TRP B 12 17.65 27.43 -9.23
N GLU B 13 16.97 28.47 -8.76
CA GLU B 13 15.59 28.35 -8.30
C GLU B 13 14.63 27.95 -9.44
N GLU B 14 14.80 28.54 -10.62
CA GLU B 14 14.03 28.11 -11.80
C GLU B 14 14.23 26.66 -12.19
N ALA B 15 15.48 26.21 -12.16
CA ALA B 15 15.79 24.85 -12.53
C ALA B 15 15.16 23.93 -11.52
N GLN B 16 15.22 24.31 -10.23
CA GLN B 16 14.55 23.53 -9.16
C GLN B 16 13.04 23.49 -9.27
N LEU B 17 12.43 24.55 -9.77
CA LEU B 17 10.97 24.54 -9.94
C LEU B 17 10.60 23.44 -10.92
N SER B 18 11.27 23.47 -12.05
CA SER B 18 11.16 22.42 -13.08
C SER B 18 11.39 20.99 -12.56
N SER B 19 12.51 20.73 -11.90
CA SER B 19 12.78 19.39 -11.30
C SER B 19 11.73 19.00 -10.32
N GLN B 20 11.32 19.94 -9.48
CA GLN B 20 10.35 19.60 -8.44
C GLN B 20 8.93 19.39 -8.98
N LEU B 21 8.54 20.12 -10.02
N LEU B 21 8.54 20.13 -10.02
CA LEU B 21 7.29 19.79 -10.72
CA LEU B 21 7.31 19.82 -10.78
C LEU B 21 7.31 18.37 -11.30
C LEU B 21 7.31 18.38 -11.30
N TYR B 22 8.43 17.98 -11.90
CA TYR B 22 8.60 16.63 -12.44
C TYR B 22 8.55 15.58 -11.32
N ARG B 23 9.31 15.81 -10.25
CA ARG B 23 9.19 15.00 -9.02
C ARG B 23 7.76 14.87 -8.48
N ASN B 24 7.01 15.95 -8.49
CA ASN B 24 5.62 15.90 -8.02
C ASN B 24 4.78 14.93 -8.85
N LYS B 25 4.94 14.98 -10.17
CA LYS B 25 4.23 14.10 -11.09
C LYS B 25 4.57 12.64 -10.81
N GLN B 26 5.85 12.36 -10.63
CA GLN B 26 6.29 11.02 -10.33
C GLN B 26 5.71 10.50 -9.05
N LEU B 27 5.78 11.32 -8.01
CA LEU B 27 5.20 10.96 -6.73
C LEU B 27 3.70 10.75 -6.85
N GLN B 28 3.02 11.63 -7.56
CA GLN B 28 1.57 11.47 -7.78
C GLN B 28 1.21 10.15 -8.50
N ASP B 29 1.94 9.84 -9.56
CA ASP B 29 1.77 8.61 -10.33
C ASP B 29 2.01 7.37 -9.46
N THR B 30 3.11 7.39 -8.69
CA THR B 30 3.41 6.31 -7.78
C THR B 30 2.30 6.12 -6.77
N LEU B 31 1.81 7.21 -6.21
CA LEU B 31 0.76 7.14 -5.21
C LEU B 31 -0.53 6.52 -5.74
N VAL B 32 -0.99 6.89 -6.95
CA VAL B 32 -2.22 6.28 -7.47
C VAL B 32 -2.02 4.78 -7.66
N GLN B 33 -0.83 4.38 -8.13
CA GLN B 33 -0.51 2.98 -8.28
C GLN B 33 -0.49 2.23 -6.93
N LYS B 34 0.03 2.88 -5.87
CA LYS B 34 0.07 2.26 -4.54
C LYS B 34 -1.32 2.13 -3.94
N GLU B 35 -2.16 3.13 -4.14
CA GLU B 35 -3.53 3.07 -3.66
C GLU B 35 -4.35 1.98 -4.36
N GLU B 36 -4.10 1.77 -5.64
CA GLU B 36 -4.80 0.73 -6.37
C GLU B 36 -4.40 -0.64 -5.82
N GLU B 37 -3.09 -0.84 -5.65
CA GLU B 37 -2.56 -2.06 -5.05
C GLU B 37 -3.12 -2.32 -3.63
N LEU B 38 -3.17 -1.30 -2.79
CA LEU B 38 -3.78 -1.42 -1.45
C LEU B 38 -5.24 -1.75 -1.48
N ALA B 39 -5.97 -1.11 -2.38
CA ALA B 39 -7.39 -1.40 -2.52
C ALA B 39 -7.65 -2.91 -2.84
N ARG B 40 -6.83 -3.48 -3.72
CA ARG B 40 -6.93 -4.88 -4.08
C ARG B 40 -6.55 -5.83 -2.94
N LEU B 41 -5.48 -5.51 -2.21
CA LEU B 41 -5.03 -6.30 -1.08
C LEU B 41 -6.02 -6.30 0.07
N HIS B 42 -6.66 -5.15 0.32
CA HIS B 42 -7.75 -5.08 1.30
C HIS B 42 -8.96 -5.94 0.92
N GLU B 43 -9.30 -5.94 -0.36
CA GLU B 43 -10.35 -6.79 -0.88
C GLU B 43 -9.98 -8.27 -0.64
N GLU B 44 -8.76 -8.63 -0.98
CA GLU B 44 -8.29 -9.99 -0.79
C GLU B 44 -8.29 -10.39 0.70
N ASN B 45 -7.80 -9.49 1.55
CA ASN B 45 -7.75 -9.72 2.99
C ASN B 45 -9.12 -10.01 3.58
N ASN B 46 -10.10 -9.19 3.20
N ASN B 46 -10.11 -9.21 3.20
CA ASN B 46 -11.48 -9.38 3.62
CA ASN B 46 -11.48 -9.38 3.69
C ASN B 46 -12.05 -10.73 3.19
C ASN B 46 -12.14 -10.67 3.17
N HIS B 47 -11.83 -11.07 1.92
CA HIS B 47 -12.28 -12.35 1.36
C HIS B 47 -11.65 -13.54 2.08
N LEU B 48 -10.36 -13.45 2.35
CA LEU B 48 -9.64 -14.47 3.09
C LEU B 48 -10.16 -14.66 4.50
N ARG B 49 -10.51 -13.56 5.14
CA ARG B 49 -11.12 -13.64 6.49
C ARG B 49 -12.52 -14.21 6.44
N GLN B 50 -13.28 -13.85 5.42
CA GLN B 50 -14.60 -14.44 5.23
C GLN B 50 -14.51 -15.95 5.01
N TYR B 51 -13.61 -16.36 4.13
CA TYR B 51 -13.41 -17.77 3.86
C TYR B 51 -12.98 -18.51 5.13
N LEU B 52 -12.06 -17.90 5.88
CA LEU B 52 -11.62 -18.51 7.13
C LEU B 52 -12.80 -18.71 8.05
N ASN B 53 -13.61 -17.67 8.24
CA ASN B 53 -14.79 -17.84 9.11
C ASN B 53 -15.72 -18.95 8.71
N SER B 54 -16.00 -19.02 7.41
CA SER B 54 -16.84 -20.06 6.85
C SER B 54 -16.24 -21.44 7.09
N ALA B 55 -14.92 -21.60 6.86
CA ALA B 55 -14.22 -22.88 7.13
C ALA B 55 -14.18 -23.29 8.59
N LEU B 56 -14.13 -22.33 9.51
CA LEU B 56 -14.17 -22.64 10.94
C LEU B 56 -15.53 -23.21 11.33
N VAL B 57 -16.59 -22.61 10.78
CA VAL B 57 -17.96 -23.05 11.04
C VAL B 57 -18.14 -24.47 10.54
N LYS B 58 -17.84 -24.71 9.27
CA LYS B 58 -17.93 -26.06 8.68
C LYS B 58 -17.04 -27.09 9.39
N CYS B 59 -15.81 -26.71 9.75
N CYS B 59 -15.82 -26.71 9.76
CA CYS B 59 -14.94 -27.55 10.58
CA CYS B 59 -14.96 -27.62 10.53
C CYS B 59 -15.62 -27.92 11.89
C CYS B 59 -15.54 -27.90 11.93
N GLU B 60 -16.28 -26.94 12.50
CA GLU B 60 -17.00 -27.15 13.76
C GLU B 60 -18.22 -28.05 13.63
N GLU B 61 -19.04 -27.81 12.60
CA GLU B 61 -20.24 -28.61 12.32
C GLU B 61 -19.94 -30.07 11.96
N GLU B 62 -18.82 -30.30 11.28
CA GLU B 62 -18.31 -31.67 11.03
C GLU B 62 -17.91 -32.40 12.31
N LYS B 63 -17.61 -31.68 13.40
CA LYS B 63 -17.45 -32.31 14.71
C LYS B 63 -18.79 -32.67 15.40
N ALA B 64 -19.89 -32.69 14.65
CA ALA B 64 -21.09 -33.49 15.00
C ALA B 64 -20.67 -34.96 14.92
N LYS B 65 -19.97 -35.38 15.97
CA LYS B 65 -19.19 -36.62 15.97
C LYS B 65 -19.91 -37.84 16.56
N LYS B 66 -20.92 -37.61 17.41
CA LYS B 66 -21.74 -38.70 18.00
C LYS B 66 -20.90 -39.69 18.80
#